data_6PZP
#
_entry.id   6PZP
#
_cell.length_a   63.605
_cell.length_b   63.605
_cell.length_c   162.107
_cell.angle_alpha   90.000
_cell.angle_beta   90.000
_cell.angle_gamma   90.000
#
_symmetry.space_group_name_H-M   'P 43 21 2'
#
loop_
_entity.id
_entity.type
_entity.pdbx_description
1 polymer Caspase-1
2 polymer Caspase-1
3 non-polymer N-(4-amino-3-chlorobenzene-1-carbonyl)-3-methyl-L-valyl-N-[(2S)-1-carboxy-3-oxopropan-2-yl]-L-prolinamide
4 water water
#
loop_
_entity_poly.entity_id
_entity_poly.type
_entity_poly.pdbx_seq_one_letter_code
_entity_poly.pdbx_strand_id
1 'polypeptide(L)'
;NPAMPTSSGSEGNVKLCSLEEAQRIWKQKSAEIYPIMDKSSRTRLALIICNEEFDSIPRRTGAEVDITGMTMLLQNLGYS
VDVKKNLTASDMTTELEAFAHRPEHKTSDSTFLVFMSHGIREGICGKKHSEQVPDILQLNAIFNMLNTKNCPSLKDKPKV
IIIQACRGDSPGVVWFKD
;
A
2 'polypeptide(L)'
;AIKKAHIEKDFIAFCSSTPDNVSWRHPTMGSVFIGRLIEHMQEYACSCDVEEIFRKVRFSFEQPDGRAQMPTTERVTLTR
CFYLFPGH
;
B
#
# COMPACT_ATOMS: atom_id res chain seq x y z
N PRO A 5 17.49 -1.19 22.74
CA PRO A 5 16.77 -1.61 21.53
C PRO A 5 15.58 -2.52 21.85
N THR A 6 14.38 -1.93 21.94
CA THR A 6 13.19 -2.67 22.33
C THR A 6 12.06 -2.43 21.33
N SER A 7 11.32 -3.50 21.02
CA SER A 7 10.10 -3.42 20.24
C SER A 7 8.87 -3.21 21.11
N SER A 8 9.04 -2.65 22.31
CA SER A 8 7.97 -2.44 23.26
C SER A 8 7.09 -1.24 22.93
N GLY A 9 7.60 -0.30 22.16
CA GLY A 9 6.90 0.94 21.92
C GLY A 9 5.82 0.81 20.86
N SER A 10 5.20 1.95 20.55
CA SER A 10 4.16 1.97 19.54
C SER A 10 4.68 1.56 18.17
N GLU A 11 5.97 1.74 17.92
CA GLU A 11 6.56 1.40 16.61
C GLU A 11 6.90 -0.08 16.47
N GLY A 12 6.80 -0.87 17.53
CA GLY A 12 7.01 -2.30 17.42
C GLY A 12 8.34 -2.63 16.78
N ASN A 13 8.29 -3.45 15.73
CA ASN A 13 9.49 -3.96 15.07
C ASN A 13 10.06 -3.02 14.02
N VAL A 14 9.47 -1.83 13.83
CA VAL A 14 10.00 -0.88 12.85
C VAL A 14 11.20 -0.18 13.46
N LYS A 15 12.35 -0.25 12.78
CA LYS A 15 13.55 0.44 13.28
C LYS A 15 13.33 1.94 13.29
N LEU A 16 13.76 2.59 14.38
CA LEU A 16 13.47 4.00 14.55
C LEU A 16 14.49 4.86 13.80
N CYS A 17 14.02 6.02 13.33
CA CYS A 17 14.89 7.03 12.78
C CYS A 17 15.36 7.94 13.92
N SER A 18 16.65 7.89 14.23
CA SER A 18 17.18 8.76 15.28
C SER A 18 17.01 10.22 14.87
N LEU A 19 16.95 11.09 15.87
CA LEU A 19 16.81 12.51 15.51
C LEU A 19 18.11 13.04 14.92
N GLU A 20 19.22 12.31 15.14
CA GLU A 20 20.44 12.57 14.36
C GLU A 20 20.18 12.35 12.87
N GLU A 21 19.80 11.12 12.50
CA GLU A 21 19.60 10.78 11.10
C GLU A 21 18.43 11.55 10.50
N ALA A 22 17.44 11.90 11.31
CA ALA A 22 16.29 12.63 10.82
C ALA A 22 16.68 14.02 10.32
N GLN A 23 17.40 14.79 11.15
CA GLN A 23 17.84 16.09 10.69
C GLN A 23 18.95 16.00 9.66
N ARG A 24 19.65 14.86 9.59
CA ARG A 24 20.56 14.63 8.48
C ARG A 24 19.80 14.53 7.15
N ILE A 25 18.72 13.74 7.12
CA ILE A 25 17.90 13.62 5.92
C ILE A 25 17.22 14.95 5.62
N TRP A 26 16.66 15.58 6.66
CA TRP A 26 15.86 16.79 6.52
C TRP A 26 16.69 18.00 6.08
N LYS A 27 18.03 17.93 6.14
CA LYS A 27 18.87 19.03 5.67
C LYS A 27 19.54 18.75 4.34
N GLN A 28 19.50 17.51 3.83
CA GLN A 28 20.23 17.23 2.60
C GLN A 28 19.41 17.60 1.36
N LYS A 29 18.09 17.29 1.36
CA LYS A 29 17.18 17.73 0.31
C LYS A 29 15.81 18.11 0.91
N SER A 30 15.82 19.16 1.75
CA SER A 30 14.61 19.59 2.43
C SER A 30 13.53 20.05 1.45
N ALA A 31 13.93 20.76 0.39
CA ALA A 31 12.96 21.24 -0.59
C ALA A 31 12.29 20.11 -1.35
N GLU A 32 12.72 18.87 -1.16
CA GLU A 32 12.20 17.75 -1.93
C GLU A 32 11.74 16.61 -1.02
N ILE A 33 11.29 16.94 0.19
CA ILE A 33 10.73 15.95 1.11
C ILE A 33 9.32 16.38 1.50
N TYR A 34 8.39 15.42 1.54
CA TYR A 34 7.01 15.75 1.99
C TYR A 34 7.05 16.15 3.46
N PRO A 35 6.38 17.24 3.84
CA PRO A 35 6.40 17.66 5.24
C PRO A 35 5.59 16.71 6.13
N ILE A 36 6.11 16.50 7.34
CA ILE A 36 5.48 15.65 8.35
C ILE A 36 4.77 16.56 9.36
N MET A 37 3.54 16.21 9.72
CA MET A 37 2.84 17.01 10.72
C MET A 37 3.28 16.62 12.12
N ASP A 38 3.03 17.54 13.06
CA ASP A 38 3.37 17.35 14.46
C ASP A 38 2.77 16.06 14.99
N LYS A 39 3.60 15.23 15.61
CA LYS A 39 3.13 13.94 16.11
C LYS A 39 2.06 14.09 17.19
N SER A 40 2.14 15.16 17.99
CA SER A 40 1.19 15.29 19.09
C SER A 40 -0.23 15.58 18.63
N SER A 41 -0.41 16.10 17.41
CA SER A 41 -1.74 16.52 16.97
C SER A 41 -2.20 15.89 15.67
N ARG A 42 -1.34 15.20 14.93
CA ARG A 42 -1.78 14.71 13.63
C ARG A 42 -2.70 13.50 13.80
N THR A 43 -3.57 13.28 12.80
CA THR A 43 -4.54 12.20 12.82
C THR A 43 -4.43 11.39 11.52
N ARG A 44 -3.36 10.60 11.41
CA ARG A 44 -3.16 9.78 10.23
C ARG A 44 -4.14 8.61 10.19
N LEU A 45 -4.68 8.35 8.99
CA LEU A 45 -5.58 7.24 8.74
C LEU A 45 -5.02 6.31 7.67
N ALA A 46 -5.31 5.01 7.83
CA ALA A 46 -5.05 4.03 6.79
C ALA A 46 -6.25 3.09 6.70
N LEU A 47 -6.40 2.47 5.53
CA LEU A 47 -7.52 1.59 5.25
C LEU A 47 -7.00 0.29 4.64
N ILE A 48 -7.42 -0.84 5.20
CA ILE A 48 -7.09 -2.16 4.66
C ILE A 48 -8.40 -2.81 4.27
N ILE A 49 -8.50 -3.19 2.99
CA ILE A 49 -9.61 -3.99 2.47
C ILE A 49 -9.04 -5.34 2.08
N CYS A 50 -9.53 -6.40 2.71
CA CYS A 50 -9.04 -7.74 2.45
C CYS A 50 -10.22 -8.68 2.22
N ASN A 51 -10.21 -9.38 1.10
CA ASN A 51 -11.20 -10.39 0.77
C ASN A 51 -10.52 -11.75 0.88
N GLU A 52 -11.01 -12.57 1.81
CA GLU A 52 -10.54 -13.93 2.02
C GLU A 52 -11.55 -14.99 1.64
N GLU A 53 -12.84 -14.77 1.91
CA GLU A 53 -13.89 -15.75 1.63
C GLU A 53 -14.77 -15.25 0.50
N PHE A 54 -14.86 -16.03 -0.57
CA PHE A 54 -15.57 -15.65 -1.78
C PHE A 54 -16.72 -16.61 -2.04
N ASP A 55 -17.70 -16.13 -2.79
CA ASP A 55 -18.87 -16.96 -3.11
C ASP A 55 -18.50 -18.08 -4.08
N SER A 56 -17.68 -17.78 -5.09
CA SER A 56 -17.39 -18.75 -6.14
C SER A 56 -15.90 -18.89 -6.44
N ILE A 57 -15.03 -18.28 -5.63
CA ILE A 57 -13.58 -18.38 -5.85
C ILE A 57 -13.01 -19.08 -4.61
N PRO A 58 -11.91 -19.83 -4.73
CA PRO A 58 -11.34 -20.49 -3.55
C PRO A 58 -10.93 -19.48 -2.47
N ARG A 59 -11.04 -19.91 -1.22
CA ARG A 59 -10.70 -19.06 -0.09
C ARG A 59 -9.20 -18.76 -0.09
N ARG A 60 -8.85 -17.54 0.29
CA ARG A 60 -7.44 -17.14 0.39
C ARG A 60 -6.93 -17.40 1.80
N THR A 61 -6.70 -18.68 2.09
CA THR A 61 -6.17 -19.04 3.40
C THR A 61 -4.80 -18.40 3.59
N GLY A 62 -4.53 -17.97 4.81
CA GLY A 62 -3.37 -17.15 5.09
C GLY A 62 -3.64 -15.65 5.06
N ALA A 63 -4.79 -15.23 4.54
CA ALA A 63 -5.08 -13.79 4.47
C ALA A 63 -5.01 -13.13 5.83
N GLU A 64 -5.41 -13.86 6.89
CA GLU A 64 -5.43 -13.26 8.23
C GLU A 64 -4.03 -12.89 8.69
N VAL A 65 -3.02 -13.65 8.26
CA VAL A 65 -1.64 -13.28 8.55
C VAL A 65 -1.28 -11.96 7.87
N ASP A 66 -1.73 -11.77 6.62
CA ASP A 66 -1.52 -10.51 5.91
C ASP A 66 -2.21 -9.34 6.62
N ILE A 67 -3.45 -9.53 7.04
CA ILE A 67 -4.17 -8.48 7.76
C ILE A 67 -3.42 -8.09 9.02
N THR A 68 -3.05 -9.09 9.82
CA THR A 68 -2.32 -8.84 11.07
C THR A 68 -1.04 -8.08 10.81
N GLY A 69 -0.24 -8.55 9.84
CA GLY A 69 1.04 -7.92 9.59
C GLY A 69 0.91 -6.48 9.09
N MET A 70 0.00 -6.24 8.15
CA MET A 70 -0.11 -4.88 7.61
C MET A 70 -0.76 -3.95 8.63
N THR A 71 -1.73 -4.44 9.40
CA THR A 71 -2.34 -3.59 10.42
C THR A 71 -1.31 -3.14 11.46
N MET A 72 -0.52 -4.08 11.98
CA MET A 72 0.49 -3.72 12.98
C MET A 72 1.53 -2.79 12.38
N LEU A 73 2.00 -3.08 11.17
CA LEU A 73 3.00 -2.22 10.52
C LEU A 73 2.48 -0.79 10.37
N LEU A 74 1.27 -0.63 9.82
CA LEU A 74 0.75 0.72 9.60
C LEU A 74 0.51 1.45 10.92
N GLN A 75 0.06 0.74 11.97
CA GLN A 75 -0.02 1.35 13.29
C GLN A 75 1.37 1.74 13.78
N ASN A 76 2.36 0.86 13.60
CA ASN A 76 3.73 1.18 13.99
C ASN A 76 4.21 2.47 13.34
N LEU A 77 3.80 2.71 12.09
CA LEU A 77 4.18 3.92 11.35
C LEU A 77 3.33 5.13 11.69
N GLY A 78 2.33 4.99 12.56
CA GLY A 78 1.57 6.13 13.05
C GLY A 78 0.17 6.30 12.50
N TYR A 79 -0.35 5.31 11.78
CA TYR A 79 -1.68 5.40 11.18
C TYR A 79 -2.71 4.69 12.04
N SER A 80 -3.89 5.28 12.15
CA SER A 80 -5.05 4.58 12.69
C SER A 80 -5.69 3.79 11.56
N VAL A 81 -5.85 2.48 11.75
CA VAL A 81 -6.10 1.54 10.67
C VAL A 81 -7.54 1.04 10.74
N ASP A 82 -8.30 1.28 9.67
CA ASP A 82 -9.61 0.65 9.48
C ASP A 82 -9.43 -0.63 8.68
N VAL A 83 -10.03 -1.72 9.14
CA VAL A 83 -9.94 -3.02 8.47
C VAL A 83 -11.34 -3.44 8.06
N LYS A 84 -11.55 -3.66 6.75
CA LYS A 84 -12.82 -4.11 6.19
C LYS A 84 -12.60 -5.40 5.43
N LYS A 85 -13.54 -6.36 5.54
CA LYS A 85 -13.31 -7.68 5.00
C LYS A 85 -14.48 -8.16 4.15
N ASN A 86 -14.14 -8.92 3.10
CA ASN A 86 -15.12 -9.63 2.27
C ASN A 86 -16.20 -8.69 1.73
N LEU A 87 -15.74 -7.82 0.83
CA LEU A 87 -16.57 -6.78 0.23
C LEU A 87 -16.76 -7.05 -1.26
N THR A 88 -17.95 -6.72 -1.76
CA THR A 88 -18.12 -6.61 -3.20
C THR A 88 -17.40 -5.36 -3.71
N ALA A 89 -17.20 -5.29 -5.03
CA ALA A 89 -16.61 -4.11 -5.63
C ALA A 89 -17.43 -2.87 -5.30
N SER A 90 -18.75 -3.00 -5.29
CA SER A 90 -19.61 -1.90 -4.89
C SER A 90 -19.39 -1.53 -3.42
N ASP A 91 -19.31 -2.53 -2.53
CA ASP A 91 -18.99 -2.25 -1.14
C ASP A 91 -17.64 -1.56 -1.02
N MET A 92 -16.64 -2.00 -1.79
CA MET A 92 -15.32 -1.38 -1.74
C MET A 92 -15.41 0.09 -2.15
N THR A 93 -16.12 0.37 -3.24
CA THR A 93 -16.32 1.75 -3.67
C THR A 93 -16.96 2.59 -2.58
N THR A 94 -18.00 2.06 -1.92
CA THR A 94 -18.66 2.80 -0.84
C THR A 94 -17.70 3.07 0.31
N GLU A 95 -16.89 2.07 0.68
CA GLU A 95 -15.94 2.25 1.77
C GLU A 95 -14.87 3.29 1.41
N LEU A 96 -14.40 3.28 0.17
CA LEU A 96 -13.40 4.25 -0.26
C LEU A 96 -13.96 5.67 -0.27
N GLU A 97 -15.20 5.83 -0.75
CA GLU A 97 -15.80 7.16 -0.72
C GLU A 97 -15.96 7.65 0.72
N ALA A 98 -16.36 6.76 1.64
CA ALA A 98 -16.42 7.14 3.04
C ALA A 98 -15.04 7.50 3.59
N PHE A 99 -14.02 6.72 3.21
CA PHE A 99 -12.68 7.00 3.69
C PHE A 99 -12.18 8.35 3.18
N ALA A 100 -12.49 8.65 1.91
CA ALA A 100 -12.14 9.96 1.34
C ALA A 100 -12.82 11.11 2.06
N HIS A 101 -13.97 10.87 2.69
CA HIS A 101 -14.70 11.92 3.39
C HIS A 101 -14.30 12.06 4.85
N ARG A 102 -13.34 11.29 5.34
CA ARG A 102 -13.05 11.28 6.78
C ARG A 102 -12.47 12.63 7.20
N PRO A 103 -12.95 13.23 8.28
CA PRO A 103 -12.40 14.53 8.71
C PRO A 103 -10.94 14.47 9.16
N GLU A 104 -10.45 13.30 9.58
CA GLU A 104 -9.06 13.22 10.08
C GLU A 104 -8.03 13.53 8.99
N HIS A 105 -8.37 13.33 7.71
CA HIS A 105 -7.38 13.59 6.66
C HIS A 105 -6.94 15.04 6.66
N LYS A 106 -7.82 15.95 7.09
CA LYS A 106 -7.47 17.37 7.19
C LYS A 106 -6.28 17.58 8.10
N THR A 107 -6.21 16.84 9.21
CA THR A 107 -5.11 16.98 10.15
C THR A 107 -4.16 15.79 10.04
N SER A 108 -3.98 15.31 8.81
CA SER A 108 -3.05 14.24 8.48
C SER A 108 -2.10 14.73 7.39
N ASP A 109 -0.95 14.07 7.27
CA ASP A 109 0.05 14.41 6.27
C ASP A 109 0.20 13.39 5.15
N SER A 110 -0.60 12.32 5.15
CA SER A 110 -0.37 11.16 4.29
C SER A 110 -1.42 10.10 4.57
N THR A 111 -1.53 9.14 3.66
CA THR A 111 -2.41 7.99 3.90
C THR A 111 -1.88 6.76 3.17
N PHE A 112 -2.24 5.59 3.69
CA PHE A 112 -1.98 4.29 3.06
C PHE A 112 -3.31 3.61 2.84
N LEU A 113 -3.47 3.00 1.66
CA LEU A 113 -4.59 2.13 1.35
C LEU A 113 -4.04 0.79 0.90
N VAL A 114 -4.52 -0.30 1.50
CA VAL A 114 -4.05 -1.64 1.19
C VAL A 114 -5.22 -2.50 0.73
N PHE A 115 -5.05 -3.16 -0.41
CA PHE A 115 -6.07 -4.03 -0.99
C PHE A 115 -5.49 -5.43 -1.15
N MET A 116 -6.18 -6.44 -0.63
CA MET A 116 -5.70 -7.81 -0.73
C MET A 116 -6.86 -8.70 -1.13
N SER A 117 -6.75 -9.33 -2.30
CA SER A 117 -7.86 -10.12 -2.82
C SER A 117 -7.33 -10.98 -3.95
N HIS A 118 -8.20 -11.81 -4.51
CA HIS A 118 -7.91 -12.34 -5.83
C HIS A 118 -7.93 -11.18 -6.82
N GLY A 119 -7.25 -11.37 -7.94
CA GLY A 119 -7.28 -10.37 -8.99
C GLY A 119 -7.17 -11.02 -10.35
N ILE A 120 -7.63 -10.28 -11.36
CA ILE A 120 -7.44 -10.65 -12.75
C ILE A 120 -6.72 -9.49 -13.41
N ARG A 121 -6.46 -9.59 -14.72
CA ARG A 121 -5.75 -8.52 -15.42
C ARG A 121 -6.44 -7.18 -15.23
N GLU A 122 -7.77 -7.17 -15.25
CA GLU A 122 -8.57 -5.94 -15.20
C GLU A 122 -8.61 -5.30 -13.82
N GLY A 123 -8.37 -6.02 -12.75
CA GLY A 123 -8.41 -5.40 -11.43
C GLY A 123 -8.62 -6.43 -10.33
N ILE A 124 -9.15 -5.92 -9.21
CA ILE A 124 -9.25 -6.65 -7.95
C ILE A 124 -10.65 -7.25 -7.82
N CYS A 125 -10.71 -8.50 -7.35
CA CYS A 125 -11.96 -9.24 -7.30
C CYS A 125 -12.77 -8.89 -6.06
N GLY A 126 -14.05 -8.59 -6.25
CA GLY A 126 -14.98 -8.50 -5.15
C GLY A 126 -15.43 -9.87 -4.65
N LYS A 127 -16.15 -9.85 -3.54
CA LYS A 127 -16.58 -11.06 -2.86
C LYS A 127 -17.36 -12.00 -3.77
N LYS A 128 -18.18 -11.45 -4.68
CA LYS A 128 -19.09 -12.27 -5.47
C LYS A 128 -18.57 -12.53 -6.88
N HIS A 129 -17.28 -12.32 -7.12
CA HIS A 129 -16.78 -12.40 -8.48
C HIS A 129 -16.87 -13.82 -9.04
N SER A 130 -17.23 -13.90 -10.32
CA SER A 130 -17.08 -15.11 -11.13
C SER A 130 -16.89 -14.66 -12.56
N GLU A 131 -16.36 -15.54 -13.41
CA GLU A 131 -16.23 -15.14 -14.81
C GLU A 131 -17.59 -15.05 -15.49
N GLN A 132 -18.62 -15.69 -14.91
CA GLN A 132 -19.98 -15.49 -15.39
C GLN A 132 -20.40 -14.04 -15.19
N VAL A 133 -20.37 -13.58 -13.94
CA VAL A 133 -20.73 -12.22 -13.57
C VAL A 133 -19.52 -11.62 -12.84
N PRO A 134 -18.62 -10.91 -13.55
CA PRO A 134 -17.46 -10.34 -12.87
C PRO A 134 -17.85 -9.29 -11.83
N ASP A 135 -17.05 -9.25 -10.76
CA ASP A 135 -17.20 -8.29 -9.66
C ASP A 135 -15.81 -7.71 -9.41
N ILE A 136 -15.46 -6.67 -10.16
CA ILE A 136 -14.08 -6.18 -10.24
C ILE A 136 -14.04 -4.71 -9.84
N LEU A 137 -13.02 -4.36 -9.05
CA LEU A 137 -12.67 -2.97 -8.76
C LEU A 137 -11.40 -2.64 -9.53
N GLN A 138 -11.46 -1.63 -10.38
CA GLN A 138 -10.30 -1.22 -11.16
C GLN A 138 -9.41 -0.28 -10.36
N LEU A 139 -8.10 -0.40 -10.56
CA LEU A 139 -7.17 0.54 -9.94
C LEU A 139 -7.51 1.98 -10.31
N ASN A 140 -8.00 2.20 -11.53
CA ASN A 140 -8.33 3.56 -11.97
C ASN A 140 -9.39 4.18 -11.07
N ALA A 141 -10.36 3.37 -10.60
CA ALA A 141 -11.40 3.91 -9.74
C ALA A 141 -10.84 4.30 -8.38
N ILE A 142 -9.90 3.51 -7.85
CA ILE A 142 -9.25 3.83 -6.57
C ILE A 142 -8.58 5.20 -6.65
N PHE A 143 -7.75 5.43 -7.68
CA PHE A 143 -7.12 6.73 -7.85
C PHE A 143 -8.15 7.85 -7.93
N ASN A 144 -9.18 7.67 -8.75
CA ASN A 144 -10.18 8.73 -8.91
C ASN A 144 -10.86 9.08 -7.59
N MET A 145 -11.10 8.10 -6.73
CA MET A 145 -11.83 8.36 -5.49
C MET A 145 -10.96 9.06 -4.46
N LEU A 146 -9.63 9.03 -4.63
CA LEU A 146 -8.71 9.64 -3.69
C LEU A 146 -8.02 10.88 -4.25
N ASN A 147 -8.36 11.32 -5.46
CA ASN A 147 -7.59 12.39 -6.07
C ASN A 147 -8.01 13.74 -5.47
N THR A 148 -7.47 14.82 -6.03
CA THR A 148 -7.68 16.13 -5.42
C THR A 148 -9.13 16.59 -5.57
N LYS A 149 -9.83 16.12 -6.61
CA LYS A 149 -11.23 16.49 -6.79
C LYS A 149 -12.11 15.81 -5.76
N ASN A 150 -11.91 14.50 -5.55
CA ASN A 150 -12.80 13.70 -4.73
C ASN A 150 -12.33 13.55 -3.30
N CYS A 151 -11.08 13.92 -3.02
CA CYS A 151 -10.53 13.87 -1.67
C CYS A 151 -9.65 15.10 -1.48
N PRO A 152 -10.27 16.29 -1.45
CA PRO A 152 -9.47 17.52 -1.31
C PRO A 152 -8.67 17.58 -0.03
N SER A 153 -9.08 16.85 1.01
CA SER A 153 -8.33 16.89 2.26
C SER A 153 -6.94 16.29 2.13
N LEU A 154 -6.70 15.45 1.12
CA LEU A 154 -5.39 14.85 0.91
C LEU A 154 -4.59 15.53 -0.20
N LYS A 155 -5.06 16.67 -0.71
CA LYS A 155 -4.28 17.46 -1.66
C LYS A 155 -2.87 17.68 -1.13
N ASP A 156 -1.88 17.49 -2.02
CA ASP A 156 -0.45 17.66 -1.75
C ASP A 156 0.11 16.64 -0.75
N LYS A 157 -0.65 15.61 -0.39
CA LYS A 157 -0.16 14.68 0.61
C LYS A 157 0.03 13.30 -0.02
N PRO A 158 1.10 12.59 0.33
CA PRO A 158 1.36 11.28 -0.28
C PRO A 158 0.24 10.29 0.02
N LYS A 159 -0.20 9.62 -1.03
CA LYS A 159 -1.22 8.57 -0.96
C LYS A 159 -0.61 7.29 -1.51
N VAL A 160 -0.41 6.32 -0.63
CA VAL A 160 0.32 5.09 -0.96
C VAL A 160 -0.70 3.97 -1.05
N ILE A 161 -0.77 3.34 -2.22
CA ILE A 161 -1.72 2.26 -2.49
C ILE A 161 -0.91 0.97 -2.65
N ILE A 162 -1.21 -0.04 -1.84
CA ILE A 162 -0.54 -1.34 -1.87
C ILE A 162 -1.56 -2.36 -2.32
N ILE A 163 -1.21 -3.17 -3.32
CA ILE A 163 -2.16 -4.16 -3.83
C ILE A 163 -1.50 -5.52 -3.88
N GLN A 164 -2.04 -6.45 -3.09
CA GLN A 164 -1.68 -7.87 -3.16
C GLN A 164 -2.82 -8.56 -3.92
N ALA A 165 -2.53 -8.98 -5.16
CA ALA A 165 -3.55 -9.61 -6.00
C ALA A 165 -2.89 -10.12 -7.27
N CYS A 166 -3.29 -11.31 -7.72
CA CYS A 166 -2.87 -11.77 -9.04
C CYS A 166 -3.33 -10.76 -10.10
N ARG A 167 -2.57 -10.68 -11.19
CA ARG A 167 -2.91 -9.80 -12.30
C ARG A 167 -3.18 -10.57 -13.58
N GLY A 168 -3.51 -11.84 -13.46
CA GLY A 168 -3.59 -12.73 -14.60
C GLY A 168 -3.20 -14.12 -14.16
N ASP A 169 -3.16 -15.04 -15.14
CA ASP A 169 -2.90 -16.45 -14.86
C ASP A 169 -1.49 -16.88 -15.20
N SER A 170 -0.67 -16.00 -15.78
CA SER A 170 0.62 -16.45 -16.27
C SER A 170 1.65 -16.54 -15.14
N PRO A 171 2.65 -17.42 -15.29
CA PRO A 171 3.67 -17.61 -14.24
C PRO A 171 4.69 -16.49 -14.15
N GLY A 172 4.75 -15.59 -15.14
CA GLY A 172 5.66 -14.46 -15.06
C GLY A 172 7.10 -14.76 -15.38
N VAL A 173 7.38 -15.83 -16.14
CA VAL A 173 8.73 -16.29 -16.39
C VAL A 173 8.89 -16.72 -17.85
N VAL A 174 10.15 -16.71 -18.30
CA VAL A 174 10.55 -17.25 -19.59
C VAL A 174 11.87 -17.97 -19.37
N TRP A 175 12.13 -19.00 -20.17
CA TRP A 175 13.38 -19.76 -20.06
C TRP A 175 14.49 -19.10 -20.86
N PHE A 176 15.72 -19.23 -20.37
CA PHE A 176 16.91 -18.86 -21.13
C PHE A 176 17.98 -19.90 -20.88
N LYS A 177 18.91 -20.00 -21.83
CA LYS A 177 19.97 -21.01 -21.75
C LYS A 177 21.10 -20.48 -20.89
N ASP A 178 21.46 -21.24 -19.86
CA ASP A 178 22.61 -20.91 -19.03
C ASP A 178 23.89 -21.42 -19.65
N ALA B 1 -10.27 33.82 -3.08
CA ALA B 1 -10.05 33.65 -4.51
C ALA B 1 -9.80 32.18 -4.83
N ILE B 2 -10.15 31.74 -6.03
CA ILE B 2 -9.97 30.34 -6.37
C ILE B 2 -8.63 30.16 -7.08
N LYS B 3 -8.05 28.96 -6.91
CA LYS B 3 -6.80 28.62 -7.55
C LYS B 3 -6.89 27.21 -8.10
N LYS B 4 -6.08 26.93 -9.11
CA LYS B 4 -6.03 25.62 -9.75
C LYS B 4 -5.04 24.71 -9.04
N ALA B 5 -5.43 23.45 -8.86
CA ALA B 5 -4.55 22.40 -8.38
C ALA B 5 -4.59 21.23 -9.37
N HIS B 6 -3.47 20.52 -9.46
CA HIS B 6 -3.44 19.29 -10.22
C HIS B 6 -4.50 18.35 -9.68
N ILE B 7 -5.25 17.71 -10.58
CA ILE B 7 -6.31 16.83 -10.14
C ILE B 7 -5.76 15.52 -9.59
N GLU B 8 -4.60 15.07 -10.09
CA GLU B 8 -4.00 13.83 -9.65
C GLU B 8 -2.51 14.07 -9.39
N LYS B 9 -2.11 13.91 -8.14
CA LYS B 9 -0.74 14.21 -7.73
C LYS B 9 -0.48 13.54 -6.38
N ASP B 10 0.79 13.24 -6.13
CA ASP B 10 1.26 12.68 -4.87
C ASP B 10 0.73 11.27 -4.62
N PHE B 11 0.58 10.48 -5.71
CA PHE B 11 0.22 9.07 -5.61
C PHE B 11 1.43 8.18 -5.85
N ILE B 12 1.43 7.01 -5.19
CA ILE B 12 2.24 5.89 -5.66
C ILE B 12 1.46 4.62 -5.38
N ALA B 13 1.46 3.71 -6.36
CA ALA B 13 0.86 2.40 -6.16
C ALA B 13 1.95 1.34 -6.29
N PHE B 14 1.81 0.27 -5.51
CA PHE B 14 2.80 -0.81 -5.51
C PHE B 14 2.04 -2.12 -5.60
N CYS B 15 2.17 -2.84 -6.73
CA CYS B 15 1.44 -4.07 -6.99
C CYS B 15 2.35 -5.27 -6.82
N SER B 16 1.75 -6.41 -6.45
CA SER B 16 2.51 -7.59 -6.06
C SER B 16 3.14 -8.34 -7.24
N SER B 17 2.72 -8.10 -8.49
CA SER B 17 3.35 -8.74 -9.64
C SER B 17 3.24 -7.82 -10.85
N THR B 18 3.81 -8.24 -11.98
CA THR B 18 3.67 -7.50 -13.23
C THR B 18 2.37 -7.87 -13.93
N PRO B 19 1.87 -7.01 -14.83
CA PRO B 19 0.59 -7.32 -15.49
C PRO B 19 0.62 -8.67 -16.19
N ASP B 20 -0.52 -9.37 -16.13
CA ASP B 20 -0.81 -10.70 -16.66
C ASP B 20 -0.31 -11.82 -15.74
N ASN B 21 0.40 -11.54 -14.66
CA ASN B 21 1.14 -12.54 -13.92
C ASN B 21 0.62 -12.73 -12.50
N VAL B 22 0.79 -13.95 -12.00
CA VAL B 22 0.30 -14.28 -10.66
C VAL B 22 1.24 -13.70 -9.60
N SER B 23 0.68 -13.56 -8.40
CA SER B 23 1.42 -13.34 -7.17
C SER B 23 1.21 -14.57 -6.29
N TRP B 24 2.15 -14.84 -5.39
CA TRP B 24 2.11 -16.06 -4.59
C TRP B 24 1.72 -15.78 -3.14
N ARG B 25 1.01 -16.73 -2.54
CA ARG B 25 0.58 -16.65 -1.15
C ARG B 25 0.80 -18.02 -0.51
N HIS B 26 1.46 -18.05 0.63
CA HIS B 26 1.63 -19.30 1.37
C HIS B 26 0.42 -19.53 2.27
N PRO B 27 -0.15 -20.73 2.28
CA PRO B 27 -1.46 -20.92 2.94
C PRO B 27 -1.45 -20.65 4.44
N THR B 28 -0.31 -20.79 5.11
CA THR B 28 -0.25 -20.48 6.54
C THR B 28 0.69 -19.33 6.86
N MET B 29 1.58 -18.94 5.95
CA MET B 29 2.56 -17.89 6.21
C MET B 29 2.17 -16.55 5.59
N GLY B 30 1.12 -16.50 4.77
CA GLY B 30 0.69 -15.24 4.19
C GLY B 30 1.29 -14.99 2.82
N SER B 31 0.91 -13.84 2.26
CA SER B 31 1.36 -13.49 0.92
C SER B 31 2.84 -13.13 0.92
N VAL B 32 3.56 -13.62 -0.09
CA VAL B 32 5.00 -13.40 -0.14
C VAL B 32 5.32 -11.91 -0.25
N PHE B 33 4.63 -11.21 -1.15
CA PHE B 33 4.84 -9.77 -1.33
C PHE B 33 4.56 -8.99 -0.04
N ILE B 34 3.47 -9.34 0.64
CA ILE B 34 3.11 -8.62 1.87
C ILE B 34 4.20 -8.82 2.93
N GLY B 35 4.63 -10.06 3.12
CA GLY B 35 5.65 -10.33 4.12
C GLY B 35 6.97 -9.64 3.81
N ARG B 36 7.34 -9.62 2.52
CA ARG B 36 8.58 -8.97 2.11
C ARG B 36 8.46 -7.46 2.26
N LEU B 37 7.31 -6.87 1.93
CA LEU B 37 7.12 -5.44 2.10
C LEU B 37 7.22 -5.05 3.58
N ILE B 38 6.59 -5.82 4.47
CA ILE B 38 6.67 -5.54 5.90
C ILE B 38 8.12 -5.60 6.37
N GLU B 39 8.86 -6.63 5.96
CA GLU B 39 10.26 -6.74 6.39
C GLU B 39 11.06 -5.52 5.95
N HIS B 40 10.85 -5.08 4.72
CA HIS B 40 11.62 -3.97 4.17
C HIS B 40 11.20 -2.65 4.81
N MET B 41 9.90 -2.45 5.04
CA MET B 41 9.47 -1.26 5.76
C MET B 41 10.07 -1.22 7.15
N GLN B 42 10.01 -2.35 7.87
CA GLN B 42 10.56 -2.38 9.22
C GLN B 42 12.03 -2.03 9.22
N GLU B 43 12.79 -2.54 8.23
CA GLU B 43 14.23 -2.36 8.22
C GLU B 43 14.64 -0.99 7.72
N TYR B 44 13.93 -0.46 6.71
CA TYR B 44 14.42 0.69 5.97
C TYR B 44 13.59 1.96 6.09
N ALA B 45 12.44 1.92 6.77
CA ALA B 45 11.63 3.14 6.89
C ALA B 45 12.44 4.25 7.56
N CYS B 46 13.36 3.89 8.46
CA CYS B 46 14.18 4.86 9.17
C CYS B 46 15.15 5.59 8.26
N SER B 47 15.52 5.02 7.12
CA SER B 47 16.63 5.56 6.33
C SER B 47 16.31 5.83 4.87
N CYS B 48 15.25 5.27 4.31
CA CYS B 48 14.99 5.38 2.88
C CYS B 48 13.59 5.92 2.66
N ASP B 49 13.41 6.67 1.59
CA ASP B 49 12.08 7.10 1.23
C ASP B 49 11.31 5.92 0.63
N VAL B 50 9.99 6.10 0.52
CA VAL B 50 9.11 5.00 0.20
C VAL B 50 9.40 4.43 -1.18
N GLU B 51 9.70 5.30 -2.16
CA GLU B 51 10.03 4.82 -3.51
C GLU B 51 11.27 3.94 -3.49
N GLU B 52 12.29 4.37 -2.74
CA GLU B 52 13.51 3.57 -2.61
C GLU B 52 13.25 2.25 -1.91
N ILE B 53 12.36 2.24 -0.91
CA ILE B 53 12.03 1.00 -0.22
C ILE B 53 11.35 0.04 -1.18
N PHE B 54 10.42 0.56 -1.99
CA PHE B 54 9.75 -0.30 -2.96
C PHE B 54 10.73 -0.86 -3.97
N ARG B 55 11.74 -0.07 -4.35
CA ARG B 55 12.78 -0.58 -5.25
C ARG B 55 13.53 -1.73 -4.60
N LYS B 56 13.86 -1.59 -3.32
CA LYS B 56 14.56 -2.67 -2.62
C LYS B 56 13.71 -3.93 -2.55
N VAL B 57 12.40 -3.78 -2.32
CA VAL B 57 11.52 -4.94 -2.37
C VAL B 57 11.63 -5.61 -3.74
N ARG B 58 11.54 -4.80 -4.81
CA ARG B 58 11.70 -5.31 -6.16
C ARG B 58 13.00 -6.10 -6.32
N PHE B 59 14.11 -5.51 -5.84
CA PHE B 59 15.40 -6.18 -5.95
C PHE B 59 15.39 -7.53 -5.22
N SER B 60 14.76 -7.58 -4.03
CA SER B 60 14.71 -8.84 -3.30
C SER B 60 14.02 -9.96 -4.07
N PHE B 61 13.17 -9.63 -5.04
CA PHE B 61 12.53 -10.65 -5.86
C PHE B 61 13.33 -11.01 -7.10
N GLU B 62 14.53 -10.48 -7.27
CA GLU B 62 15.15 -10.50 -8.60
C GLU B 62 15.49 -11.91 -9.06
N GLN B 63 15.92 -12.77 -8.15
CA GLN B 63 16.12 -14.08 -8.77
C GLN B 63 14.90 -14.96 -8.52
N PRO B 64 14.33 -15.57 -9.56
CA PRO B 64 13.17 -16.46 -9.37
C PRO B 64 13.49 -17.65 -8.47
N ASP B 65 12.43 -18.28 -7.96
CA ASP B 65 12.57 -19.36 -6.99
C ASP B 65 11.48 -20.40 -7.18
N GLY B 66 11.12 -20.69 -8.43
CA GLY B 66 10.06 -21.63 -8.71
C GLY B 66 8.69 -21.01 -8.57
N ARG B 67 8.60 -19.93 -7.79
CA ARG B 67 7.37 -19.15 -7.64
C ARG B 67 7.74 -17.68 -7.90
N ALA B 68 8.13 -17.37 -9.12
CA ALA B 68 8.62 -16.04 -9.41
C ALA B 68 7.47 -15.02 -9.45
N GLN B 69 7.79 -13.80 -9.02
CA GLN B 69 6.92 -12.65 -9.22
C GLN B 69 7.78 -11.42 -9.12
N MET B 70 7.36 -10.36 -9.80
CA MET B 70 8.05 -9.08 -9.78
C MET B 70 7.09 -7.95 -9.43
N PRO B 71 7.09 -7.49 -8.17
CA PRO B 71 6.32 -6.28 -7.82
C PRO B 71 6.60 -5.08 -8.72
N THR B 72 5.59 -4.26 -8.92
CA THR B 72 5.66 -3.17 -9.88
C THR B 72 5.10 -1.93 -9.22
N THR B 73 5.81 -0.82 -9.32
CA THR B 73 5.20 0.43 -8.88
C THR B 73 4.54 1.11 -10.07
N GLU B 74 3.37 1.69 -9.83
CA GLU B 74 2.51 2.18 -10.90
C GLU B 74 2.03 3.59 -10.61
N ARG B 75 1.82 4.33 -11.70
CA ARG B 75 1.05 5.58 -11.67
C ARG B 75 1.60 6.55 -10.63
N VAL B 76 2.90 6.82 -10.73
CA VAL B 76 3.59 7.55 -9.68
C VAL B 76 3.54 9.05 -10.00
N THR B 77 2.96 9.83 -9.09
CA THR B 77 3.01 11.28 -9.19
C THR B 77 3.54 11.91 -7.90
N LEU B 78 4.30 11.15 -7.11
CA LEU B 78 5.04 11.76 -6.01
C LEU B 78 6.00 12.79 -6.56
N THR B 79 5.92 14.02 -6.05
CA THR B 79 6.82 15.08 -6.49
C THR B 79 7.99 15.27 -5.55
N ARG B 80 7.95 14.63 -4.39
CA ARG B 80 8.96 14.75 -3.36
C ARG B 80 9.26 13.36 -2.84
N CYS B 81 10.34 13.25 -2.05
CA CYS B 81 10.62 12.01 -1.35
C CYS B 81 9.68 11.87 -0.16
N PHE B 82 9.07 10.71 0.01
CA PHE B 82 8.20 10.44 1.16
C PHE B 82 9.02 9.64 2.17
N TYR B 83 9.57 10.33 3.15
CA TYR B 83 10.19 9.68 4.31
C TYR B 83 9.17 9.56 5.44
N LEU B 84 9.14 8.38 6.06
CA LEU B 84 8.19 8.11 7.13
C LEU B 84 8.69 8.55 8.49
N PHE B 85 9.99 8.81 8.65
CA PHE B 85 10.60 9.24 9.92
C PHE B 85 10.00 8.46 11.11
N PRO B 86 10.13 7.13 11.12
CA PRO B 86 9.54 6.36 12.22
C PRO B 86 10.08 6.80 13.57
N GLY B 87 9.16 7.06 14.50
CA GLY B 87 9.51 7.61 15.80
C GLY B 87 9.24 9.10 15.93
N HIS B 88 9.02 9.79 14.82
CA HIS B 88 8.63 11.20 14.85
C HIS B 88 7.26 11.39 14.23
#